data_8QZV
#
_entry.id   8QZV
#
_cell.length_a   34.262
_cell.length_b   40.795
_cell.length_c   117.024
_cell.angle_alpha   90.00
_cell.angle_beta   90.00
_cell.angle_gamma   90.00
#
_symmetry.space_group_name_H-M   'P 21 21 21'
#
loop_
_entity.id
_entity.type
_entity.pdbx_description
1 polymer 'Eukaryotic translation initiation factor 5A'
2 water water
#
_entity_poly.entity_id   1
_entity_poly.type   'polypeptide(L)'
_entity_poly.pdbx_seq_one_letter_code
;MSSAEEEVHHDLEIQEVDAGSQEKATIPVNKLKKGGYVLIEGRPCRVVDITKSKTGKHGHAKAGIAGTDLFTGRRYETHL
PTSHEIEVPFVDRSDYGLINIDDGHTQLLTLDGTLREDVDLPPEGNEMRQRVIDLFNVCVNTNDQVVVTVLSSNGENLIV
DCKKSTN
;
_entity_poly.pdbx_strand_id   A
#
# COMPACT_ATOMS: atom_id res chain seq x y z
N LYS A 24 1.86 -18.03 -3.98
CA LYS A 24 2.81 -17.67 -2.90
C LYS A 24 4.23 -17.47 -3.44
N ALA A 25 4.57 -16.26 -3.83
CA ALA A 25 5.89 -15.84 -4.27
C ALA A 25 6.84 -15.76 -3.07
N THR A 26 8.05 -16.27 -3.23
CA THR A 26 9.06 -16.23 -2.19
C THR A 26 10.41 -15.78 -2.76
N ILE A 27 11.28 -15.34 -1.85
CA ILE A 27 12.67 -14.98 -2.14
C ILE A 27 13.54 -15.65 -1.08
N PRO A 28 14.72 -16.16 -1.45
CA PRO A 28 15.65 -16.64 -0.42
C PRO A 28 15.98 -15.52 0.54
N VAL A 29 15.97 -15.82 1.84
CA VAL A 29 16.35 -14.82 2.83
C VAL A 29 17.72 -14.25 2.51
N ASN A 30 18.62 -15.09 2.00
CA ASN A 30 19.97 -14.60 1.69
C ASN A 30 20.02 -13.70 0.46
N LYS A 31 18.91 -13.51 -0.25
CA LYS A 31 18.83 -12.59 -1.37
C LYS A 31 18.05 -11.32 -1.04
N LEU A 32 17.52 -11.22 0.17
CA LEU A 32 16.82 -10.03 0.60
C LEU A 32 17.74 -8.81 0.60
N LYS A 33 17.16 -7.66 0.26
CA LYS A 33 17.83 -6.37 0.38
C LYS A 33 16.92 -5.39 1.09
N LYS A 34 17.54 -4.41 1.77
CA LYS A 34 16.80 -3.24 2.21
C LYS A 34 16.05 -2.64 1.02
N GLY A 35 14.78 -2.30 1.26
CA GLY A 35 13.90 -1.79 0.23
C GLY A 35 13.06 -2.82 -0.47
N GLY A 36 13.42 -4.11 -0.37
CA GLY A 36 12.55 -5.16 -0.88
C GLY A 36 11.32 -5.30 -0.03
N TYR A 37 10.32 -5.99 -0.54
CA TYR A 37 9.07 -6.18 0.18
C TYR A 37 9.00 -7.62 0.70
N VAL A 38 8.53 -7.77 1.93
CA VAL A 38 8.34 -9.07 2.56
C VAL A 38 7.02 -9.05 3.31
N LEU A 39 6.51 -10.23 3.64
CA LEU A 39 5.36 -10.36 4.52
C LEU A 39 5.88 -10.74 5.90
N ILE A 40 5.52 -9.98 6.91
CA ILE A 40 5.82 -10.32 8.31
C ILE A 40 4.51 -10.21 9.08
N GLU A 41 4.12 -11.29 9.77
CA GLU A 41 2.87 -11.34 10.52
C GLU A 41 1.67 -10.95 9.66
N GLY A 42 1.72 -11.34 8.39
CA GLY A 42 0.61 -11.07 7.51
C GLY A 42 0.59 -9.67 6.95
N ARG A 43 1.60 -8.87 7.27
CA ARG A 43 1.63 -7.48 6.87
C ARG A 43 2.67 -7.26 5.80
N PRO A 44 2.31 -6.52 4.75
CA PRO A 44 3.30 -6.25 3.70
C PRO A 44 4.23 -5.13 4.18
N CYS A 45 5.54 -5.42 4.17
CA CYS A 45 6.51 -4.47 4.70
C CYS A 45 7.69 -4.23 3.77
N ARG A 46 8.21 -3.02 3.82
CA ARG A 46 9.49 -2.72 3.18
C ARG A 46 10.64 -2.99 4.15
N VAL A 47 11.60 -3.79 3.69
CA VAL A 47 12.71 -4.18 4.57
C VAL A 47 13.54 -2.95 4.90
N VAL A 48 13.84 -2.78 6.19
CA VAL A 48 14.68 -1.69 6.67
C VAL A 48 15.98 -2.17 7.30
N ASP A 49 16.06 -3.43 7.73
CA ASP A 49 17.30 -3.90 8.33
C ASP A 49 17.35 -5.41 8.25
N ILE A 50 18.54 -5.94 7.97
CA ILE A 50 18.77 -7.39 7.91
C ILE A 50 20.01 -7.69 8.73
N THR A 51 19.88 -8.58 9.70
CA THR A 51 21.01 -9.05 10.50
C THR A 51 21.19 -10.54 10.25
N LYS A 52 22.44 -10.98 10.20
CA LYS A 52 22.75 -12.38 9.97
C LYS A 52 23.77 -12.85 11.00
N SER A 53 23.66 -14.11 11.43
CA SER A 53 24.59 -14.71 12.41
C SER A 53 25.90 -15.11 11.73
N GLY A 59 28.81 -22.72 12.00
CA GLY A 59 27.74 -23.60 11.47
C GLY A 59 26.36 -22.89 11.50
N HIS A 60 26.04 -22.18 12.59
CA HIS A 60 24.72 -21.50 12.74
C HIS A 60 24.50 -20.49 11.59
N ALA A 61 23.26 -20.34 11.11
CA ALA A 61 22.91 -19.47 9.97
C ALA A 61 21.48 -18.98 10.13
N LYS A 62 21.29 -17.91 10.90
CA LYS A 62 20.01 -17.35 11.22
C LYS A 62 19.92 -15.85 10.88
N ALA A 63 18.77 -15.36 10.46
CA ALA A 63 18.63 -13.96 10.07
C ALA A 63 17.51 -13.26 10.82
N GLY A 64 17.72 -11.98 11.08
CA GLY A 64 16.70 -11.10 11.62
C GLY A 64 16.35 -10.06 10.58
N ILE A 65 15.06 -9.91 10.33
CA ILE A 65 14.56 -9.00 9.30
C ILE A 65 13.60 -8.03 9.97
N ALA A 66 13.82 -6.72 9.82
CA ALA A 66 12.89 -5.68 10.25
C ALA A 66 12.32 -4.94 9.03
N GLY A 67 11.05 -4.55 9.13
CA GLY A 67 10.43 -3.84 8.03
C GLY A 67 9.41 -2.83 8.51
N THR A 68 9.00 -1.97 7.55
CA THR A 68 7.99 -0.93 7.74
C THR A 68 6.72 -1.36 7.03
N ASP A 69 5.62 -1.43 7.76
CA ASP A 69 4.32 -1.74 7.17
C ASP A 69 3.97 -0.67 6.14
N LEU A 70 3.78 -1.11 4.89
CA LEU A 70 3.55 -0.16 3.80
C LEU A 70 2.27 0.63 3.97
N PHE A 71 1.32 0.16 4.77
CA PHE A 71 0.08 0.91 4.96
C PHE A 71 0.07 1.75 6.22
N THR A 72 0.63 1.25 7.34
CA THR A 72 0.53 1.94 8.62
C THR A 72 1.85 2.53 9.13
N GLY A 73 2.98 2.23 8.52
CA GLY A 73 4.26 2.72 9.00
C GLY A 73 4.82 1.99 10.21
N ARG A 74 4.10 1.03 10.76
CA ARG A 74 4.57 0.31 11.95
C ARG A 74 5.76 -0.60 11.64
N ARG A 75 6.62 -0.77 12.65
CA ARG A 75 7.75 -1.70 12.57
C ARG A 75 7.29 -3.12 12.89
N TYR A 76 7.69 -4.06 12.04
CA TYR A 76 7.55 -5.48 12.28
C TYR A 76 8.91 -6.14 12.16
N GLU A 77 9.07 -7.31 12.80
CA GLU A 77 10.34 -8.01 12.82
C GLU A 77 10.11 -9.52 12.84
N THR A 78 11.00 -10.26 12.18
CA THR A 78 10.93 -11.71 12.21
C THR A 78 12.34 -12.27 12.19
N HIS A 79 12.47 -13.53 12.63
CA HIS A 79 13.73 -14.26 12.62
C HIS A 79 13.48 -15.58 11.90
N LEU A 80 14.19 -15.81 10.84
CA LEU A 80 13.98 -17.02 10.11
C LEU A 80 15.38 -17.55 9.91
N PRO A 81 15.66 -18.97 9.55
CA PRO A 81 16.94 -19.47 9.05
C PRO A 81 17.36 -18.76 7.76
N THR A 82 18.66 -18.48 7.64
CA THR A 82 19.15 -17.75 6.47
C THR A 82 18.95 -18.56 5.21
N SER A 83 18.98 -19.90 5.37
CA SER A 83 18.82 -20.81 4.26
C SER A 83 17.41 -20.75 3.68
N HIS A 84 16.47 -20.17 4.40
CA HIS A 84 15.07 -20.35 4.11
C HIS A 84 14.61 -19.24 3.17
N GLU A 85 13.35 -19.30 2.83
CA GLU A 85 12.72 -18.33 1.94
C GLU A 85 11.67 -17.60 2.73
N ILE A 86 11.32 -16.40 2.25
CA ILE A 86 10.30 -15.58 2.88
C ILE A 86 9.34 -15.10 1.79
N GLU A 87 8.06 -15.01 2.12
CA GLU A 87 7.05 -14.58 1.16
C GLU A 87 7.20 -13.10 0.82
N VAL A 88 7.06 -12.80 -0.47
CA VAL A 88 7.03 -11.44 -1.01
C VAL A 88 5.59 -11.14 -1.42
N PRO A 89 4.96 -10.11 -0.85
CA PRO A 89 3.60 -9.75 -1.24
C PRO A 89 3.59 -8.98 -2.54
N PHE A 90 2.52 -9.17 -3.31
CA PHE A 90 2.30 -8.29 -4.44
C PHE A 90 1.66 -7.00 -3.94
N VAL A 91 2.22 -5.87 -4.36
CA VAL A 91 1.74 -4.57 -3.94
C VAL A 91 1.57 -3.70 -5.18
N ASP A 92 0.39 -3.16 -5.38
CA ASP A 92 0.10 -2.29 -6.51
C ASP A 92 -0.08 -0.86 -6.04
N ARG A 93 0.45 0.10 -6.80
CA ARG A 93 0.29 1.55 -6.57
C ARG A 93 -0.19 2.09 -7.92
N SER A 94 -1.44 2.50 -8.05
CA SER A 94 -1.99 2.95 -9.33
C SER A 94 -2.84 4.19 -9.12
N ASP A 95 -3.04 4.90 -10.22
CA ASP A 95 -3.85 6.11 -10.24
C ASP A 95 -5.22 5.82 -10.83
N TYR A 96 -6.22 6.50 -10.30
CA TYR A 96 -7.60 6.36 -10.72
C TYR A 96 -8.26 7.73 -10.73
N GLY A 97 -9.26 7.89 -11.58
CA GLY A 97 -10.11 9.06 -11.50
C GLY A 97 -11.23 8.89 -10.48
N LEU A 98 -11.43 9.91 -9.64
CA LEU A 98 -12.45 9.85 -8.60
C LEU A 98 -13.77 10.37 -9.17
N ILE A 99 -14.74 9.46 -9.34
CA ILE A 99 -16.02 9.82 -9.93
C ILE A 99 -16.99 10.33 -8.87
N ASN A 100 -17.16 9.81 -7.82
CA ASN A 100 -18.07 10.17 -6.74
C ASN A 100 -17.52 9.72 -5.38
N ILE A 101 -18.10 10.25 -4.34
CA ILE A 101 -17.85 9.88 -3.00
C ILE A 101 -19.24 9.76 -2.43
N ASP A 102 -19.55 8.73 -1.72
CA ASP A 102 -20.84 8.59 -1.14
C ASP A 102 -20.76 7.76 0.11
N ASP A 103 -21.23 8.28 1.28
CA ASP A 103 -21.22 7.61 2.59
C ASP A 103 -19.82 7.10 2.93
N GLY A 104 -18.75 7.78 2.51
CA GLY A 104 -17.38 7.37 2.76
C GLY A 104 -16.81 6.35 1.79
N HIS A 105 -17.59 5.93 0.82
CA HIS A 105 -17.07 5.04 -0.20
C HIS A 105 -16.71 5.86 -1.42
N THR A 106 -15.78 5.36 -2.22
CA THR A 106 -15.48 6.02 -3.48
C THR A 106 -15.87 5.16 -4.68
N GLN A 107 -16.14 5.83 -5.79
CA GLN A 107 -16.29 5.20 -7.11
C GLN A 107 -15.14 5.70 -7.96
N LEU A 108 -14.31 4.77 -8.46
CA LEU A 108 -13.08 5.11 -9.16
C LEU A 108 -13.07 4.54 -10.58
N LEU A 109 -12.46 5.30 -11.48
CA LEU A 109 -12.35 4.88 -12.88
C LEU A 109 -10.90 4.55 -13.15
N THR A 110 -10.64 3.29 -13.52
CA THR A 110 -9.30 2.87 -13.84
C THR A 110 -8.84 3.52 -15.15
N LEU A 111 -7.55 3.56 -15.36
CA LEU A 111 -7.00 4.23 -16.56
C LEU A 111 -7.34 3.37 -17.80
N ASP A 112 -7.73 2.11 -17.63
CA ASP A 112 -8.21 1.27 -18.72
C ASP A 112 -9.73 1.30 -18.90
N GLY A 113 -10.45 2.07 -18.11
CA GLY A 113 -11.83 2.36 -18.42
C GLY A 113 -12.90 1.55 -17.73
N THR A 114 -12.61 1.00 -16.54
CA THR A 114 -13.61 0.27 -15.77
C THR A 114 -13.71 0.89 -14.39
N LEU A 115 -14.82 0.60 -13.74
CA LEU A 115 -15.05 1.13 -12.41
C LEU A 115 -14.64 0.16 -11.32
N ARG A 116 -14.18 0.72 -10.21
CA ARG A 116 -14.01 -0.04 -8.98
C ARG A 116 -14.68 0.71 -7.85
N GLU A 117 -15.34 -0.06 -6.98
CA GLU A 117 -16.12 0.50 -5.89
C GLU A 117 -15.70 -0.04 -4.52
N ASP A 118 -14.53 -0.68 -4.43
CA ASP A 118 -14.07 -1.30 -3.19
C ASP A 118 -13.08 -0.45 -2.39
N VAL A 119 -12.80 0.77 -2.81
CA VAL A 119 -11.86 1.66 -2.13
C VAL A 119 -12.67 2.69 -1.35
N ASP A 120 -12.46 2.77 -0.06
CA ASP A 120 -13.12 3.79 0.75
C ASP A 120 -12.21 5.00 0.87
N LEU A 121 -12.76 6.07 1.42
CA LEU A 121 -11.93 7.21 1.81
C LEU A 121 -10.99 6.78 2.93
N PRO A 122 -9.82 7.40 3.06
CA PRO A 122 -8.96 7.13 4.21
C PRO A 122 -9.70 7.37 5.50
N PRO A 123 -9.33 6.69 6.57
CA PRO A 123 -10.07 6.80 7.84
C PRO A 123 -9.91 8.16 8.50
N GLU A 124 -10.88 8.47 9.35
CA GLU A 124 -10.77 9.61 10.23
C GLU A 124 -9.45 9.57 10.97
N GLY A 125 -8.72 10.67 10.92
CA GLY A 125 -7.43 10.79 11.54
C GLY A 125 -6.28 10.79 10.59
N ASN A 126 -6.53 10.30 9.38
CA ASN A 126 -5.59 10.40 8.28
C ASN A 126 -6.03 11.67 7.55
N GLU A 127 -5.17 12.68 7.52
CA GLU A 127 -5.52 13.98 6.89
C GLU A 127 -5.82 13.79 5.40
N MET A 128 -5.44 12.67 4.82
CA MET A 128 -5.80 12.46 3.43
C MET A 128 -7.30 12.39 3.23
N ARG A 129 -8.08 12.03 4.26
CA ARG A 129 -9.53 11.98 4.13
C ARG A 129 -10.08 13.35 3.78
N GLN A 130 -9.70 14.36 4.53
CA GLN A 130 -10.16 15.72 4.27
C GLN A 130 -9.62 16.23 2.95
N ARG A 131 -8.39 15.93 2.65
CA ARG A 131 -7.73 16.37 1.39
C ARG A 131 -8.50 15.83 0.18
N VAL A 132 -8.96 14.60 0.21
CA VAL A 132 -9.68 14.02 -0.93
C VAL A 132 -11.08 14.61 -1.02
N ILE A 133 -11.78 14.71 0.10
CA ILE A 133 -13.12 15.30 0.08
C ILE A 133 -13.07 16.73 -0.46
N ASP A 134 -12.12 17.52 0.06
CA ASP A 134 -12.04 18.93 -0.30
C ASP A 134 -11.66 19.10 -1.77
N LEU A 135 -10.71 18.30 -2.27
CA LEU A 135 -10.34 18.43 -3.68
C LEU A 135 -11.47 17.97 -4.59
N PHE A 136 -12.21 16.93 -4.17
CA PHE A 136 -13.41 16.53 -4.89
C PHE A 136 -14.39 17.69 -4.99
N ASN A 137 -14.62 18.39 -3.87
CA ASN A 137 -15.58 19.49 -3.86
C ASN A 137 -15.08 20.69 -4.65
N VAL A 138 -13.77 20.92 -4.69
CA VAL A 138 -13.23 21.96 -5.56
C VAL A 138 -13.56 21.65 -7.01
N CYS A 139 -13.55 20.37 -7.39
CA CYS A 139 -13.63 19.95 -8.78
C CYS A 139 -15.02 19.58 -9.28
N VAL A 140 -16.00 19.36 -8.42
CA VAL A 140 -17.26 18.64 -8.76
C VAL A 140 -18.06 19.31 -9.90
N ASN A 141 -18.07 20.61 -9.98
CA ASN A 141 -18.83 21.29 -11.03
C ASN A 141 -17.93 21.87 -12.10
N THR A 142 -16.63 21.54 -12.10
CA THR A 142 -15.63 22.08 -13.02
C THR A 142 -15.17 21.01 -13.99
N ASN A 143 -14.37 21.35 -14.97
CA ASN A 143 -13.99 20.38 -16.00
C ASN A 143 -12.77 19.57 -15.63
N ASP A 144 -12.32 19.75 -14.39
CA ASP A 144 -11.22 18.99 -13.84
C ASP A 144 -11.77 17.83 -13.02
N GLN A 145 -10.90 16.83 -12.83
CA GLN A 145 -11.25 15.61 -12.09
C GLN A 145 -10.13 15.29 -11.09
N VAL A 146 -10.47 14.79 -9.94
CA VAL A 146 -9.47 14.37 -8.97
C VAL A 146 -8.87 13.03 -9.42
N VAL A 147 -7.56 12.89 -9.31
CA VAL A 147 -6.87 11.62 -9.53
C VAL A 147 -6.34 11.16 -8.18
N VAL A 148 -6.76 9.99 -7.74
CA VAL A 148 -6.27 9.44 -6.47
C VAL A 148 -5.25 8.36 -6.78
N THR A 149 -4.24 8.25 -5.93
CA THR A 149 -3.32 7.13 -5.98
C THR A 149 -3.75 6.14 -4.90
N VAL A 150 -3.91 4.87 -5.29
CA VAL A 150 -4.34 3.83 -4.37
C VAL A 150 -3.23 2.79 -4.23
N LEU A 151 -2.87 2.50 -2.98
CA LEU A 151 -1.96 1.41 -2.64
C LEU A 151 -2.80 0.20 -2.27
N SER A 152 -2.51 -0.94 -2.92
CA SER A 152 -3.31 -2.15 -2.76
C SER A 152 -2.43 -3.37 -2.54
N SER A 153 -2.82 -4.21 -1.58
CA SER A 153 -2.12 -5.48 -1.37
C SER A 153 -3.06 -6.42 -0.63
N ASN A 154 -3.26 -7.61 -1.18
CA ASN A 154 -3.97 -8.69 -0.48
C ASN A 154 -5.34 -8.23 0.00
N GLY A 155 -6.03 -7.45 -0.85
CA GLY A 155 -7.38 -7.01 -0.54
C GLY A 155 -7.47 -5.72 0.25
N GLU A 156 -6.36 -5.21 0.76
CA GLU A 156 -6.31 -3.95 1.49
C GLU A 156 -6.02 -2.84 0.49
N ASN A 157 -6.81 -1.77 0.54
CA ASN A 157 -6.69 -0.66 -0.39
C ASN A 157 -6.67 0.64 0.40
N LEU A 158 -5.74 1.52 0.07
CA LEU A 158 -5.65 2.81 0.76
C LEU A 158 -5.31 3.91 -0.24
N ILE A 159 -6.04 5.01 -0.16
CA ILE A 159 -5.73 6.21 -0.93
C ILE A 159 -4.56 6.92 -0.25
N VAL A 160 -3.44 7.02 -0.96
CA VAL A 160 -2.22 7.61 -0.41
C VAL A 160 -1.86 8.96 -1.04
N ASP A 161 -2.56 9.41 -2.08
CA ASP A 161 -2.27 10.71 -2.64
C ASP A 161 -3.47 11.16 -3.46
N CYS A 162 -3.59 12.47 -3.66
CA CYS A 162 -4.60 13.01 -4.57
C CYS A 162 -4.06 14.26 -5.24
N LYS A 163 -4.47 14.46 -6.46
CA LYS A 163 -4.09 15.62 -7.24
C LYS A 163 -5.15 15.95 -8.26
N LYS A 164 -5.07 17.15 -8.78
CA LYS A 164 -5.99 17.61 -9.83
C LYS A 164 -5.52 17.14 -11.20
N SER A 165 -6.44 16.78 -12.09
CA SER A 165 -6.14 16.53 -13.51
C SER A 165 -7.03 17.47 -14.33
#